data_1Z36
#
_entry.id   1Z36
#
_cell.length_a   136.800
_cell.length_b   136.800
_cell.length_c   136.800
_cell.angle_alpha   90.00
_cell.angle_beta   90.00
_cell.angle_gamma   90.00
#
_symmetry.space_group_name_H-M   'P 41 3 2'
#
loop_
_entity.id
_entity.type
_entity.pdbx_description
1 polymer 'purine nucleoside phosphorylase'
2 non-polymer (1S)-1-(7-amino-1H-pyrazolo[4,3-d]pyrimidin-3-yl)-1,4-anhydro-D-ribitol
3 water water
#
_entity_poly.entity_id   1
_entity_poly.type   'polypeptide(L)'
_entity_poly.pdbx_seq_one_letter_code
;ATPHNSAQVGDFAETVLMCGDPLRAKLIAETYLENPKLVNNVRGIQGYTGTYKGKPISVMGHGMGLPSICIYAEELYSTY
KVKTIIRVGTCGAIDMDIHTRDIVIFTSAGTNSKINRIRFMDHDYPATASFDVVCALVDAAKELNIPAKVGKGFSTDLFY
NPQTELAQLMNKFHFLAVEMESAGLFPIADLYGARAGCICTVSDHILHHEETTAEERQNSFQNMMKIALEAAIKL
;
_entity_poly.pdbx_strand_id   A
#
# COMPACT_ATOMS: atom_id res chain seq x y z
N ALA A 1 6.60 -3.01 22.47
CA ALA A 1 5.43 -2.17 22.85
C ALA A 1 4.11 -2.83 22.46
N THR A 2 4.06 -3.47 21.29
CA THR A 2 2.83 -4.15 20.88
C THR A 2 3.09 -5.63 20.65
N PRO A 3 2.01 -6.43 20.56
CA PRO A 3 2.13 -7.88 20.34
C PRO A 3 2.80 -8.20 19.02
N HIS A 4 2.93 -7.21 18.14
CA HIS A 4 3.52 -7.44 16.82
C HIS A 4 4.70 -6.53 16.52
N ASN A 5 5.06 -5.70 17.48
CA ASN A 5 6.15 -4.75 17.29
C ASN A 5 6.95 -4.61 18.58
N SER A 6 8.25 -4.92 18.50
CA SER A 6 9.14 -4.83 19.65
C SER A 6 9.66 -3.41 19.85
N ALA A 7 9.64 -2.63 18.77
CA ALA A 7 10.12 -1.26 18.79
C ALA A 7 9.34 -0.37 19.75
N GLN A 8 9.91 0.78 20.08
CA GLN A 8 9.24 1.71 20.97
C GLN A 8 8.92 3.01 20.25
N VAL A 9 8.02 3.79 20.85
CA VAL A 9 7.59 5.06 20.28
C VAL A 9 8.81 5.89 19.93
N GLY A 10 8.90 6.31 18.67
CA GLY A 10 10.03 7.11 18.23
C GLY A 10 10.94 6.35 17.29
N ASP A 11 10.91 5.01 17.36
CA ASP A 11 11.75 4.19 16.50
C ASP A 11 11.30 4.24 15.06
N PHE A 12 10.01 4.51 14.86
CA PHE A 12 9.46 4.59 13.51
C PHE A 12 9.33 6.04 13.04
N ALA A 13 9.63 6.27 11.78
CA ALA A 13 9.53 7.60 11.19
C ALA A 13 8.04 7.92 11.11
N GLU A 14 7.69 9.18 10.90
CA GLU A 14 6.27 9.53 10.81
C GLU A 14 5.66 9.07 9.48
N THR A 15 6.53 8.66 8.57
CA THR A 15 6.10 8.17 7.26
C THR A 15 6.67 6.78 7.08
N VAL A 16 5.80 5.80 6.83
CA VAL A 16 6.25 4.43 6.65
C VAL A 16 5.75 3.82 5.36
N LEU A 17 6.65 3.21 4.60
CA LEU A 17 6.27 2.56 3.36
C LEU A 17 6.09 1.08 3.70
N MET A 18 4.98 0.50 3.29
CA MET A 18 4.75 -0.90 3.60
C MET A 18 4.36 -1.71 2.38
N CYS A 19 4.85 -2.95 2.34
CA CYS A 19 4.56 -3.88 1.27
C CYS A 19 4.32 -5.22 1.94
N GLY A 20 3.62 -6.12 1.25
CA GLY A 20 3.32 -7.43 1.81
C GLY A 20 4.54 -8.27 2.08
N ASP A 21 5.44 -8.34 1.10
CA ASP A 21 6.65 -9.14 1.23
C ASP A 21 7.72 -8.54 2.16
N PRO A 22 7.98 -9.19 3.30
CA PRO A 22 8.97 -8.74 4.28
C PRO A 22 10.39 -8.69 3.71
N LEU A 23 10.66 -9.57 2.75
CA LEU A 23 11.97 -9.61 2.13
C LEU A 23 12.09 -8.43 1.19
N ARG A 24 10.96 -8.06 0.60
CA ARG A 24 10.91 -6.94 -0.32
C ARG A 24 11.19 -5.67 0.50
N ALA A 25 10.66 -5.63 1.72
CA ALA A 25 10.87 -4.48 2.60
C ALA A 25 12.33 -4.38 3.03
N LYS A 26 12.97 -5.53 3.23
CA LYS A 26 14.38 -5.56 3.62
C LYS A 26 15.19 -5.03 2.43
N LEU A 27 14.82 -5.49 1.25
CA LEU A 27 15.48 -5.08 0.02
C LEU A 27 15.37 -3.56 -0.16
N ILE A 28 14.15 -3.05 0.00
CA ILE A 28 13.87 -1.62 -0.12
C ILE A 28 14.69 -0.82 0.89
N ALA A 29 14.86 -1.35 2.09
CA ALA A 29 15.63 -0.67 3.13
C ALA A 29 17.11 -0.60 2.78
N GLU A 30 17.62 -1.69 2.22
CA GLU A 30 19.03 -1.77 1.85
C GLU A 30 19.31 -0.99 0.57
N THR A 31 18.36 -1.02 -0.35
CA THR A 31 18.51 -0.37 -1.64
C THR A 31 18.27 1.14 -1.69
N TYR A 32 17.26 1.64 -0.99
CA TYR A 32 16.98 3.08 -1.05
C TYR A 32 17.23 3.90 0.21
N LEU A 33 17.29 3.28 1.36
CA LEU A 33 17.50 4.04 2.59
C LEU A 33 18.97 4.13 2.99
N GLU A 34 19.32 5.24 3.63
CA GLU A 34 20.68 5.45 4.10
C GLU A 34 20.71 5.20 5.59
N ASN A 35 21.69 4.40 6.03
CA ASN A 35 21.83 4.07 7.44
C ASN A 35 20.56 3.41 7.98
N PRO A 36 20.06 2.38 7.27
CA PRO A 36 18.83 1.69 7.70
C PRO A 36 19.10 0.83 8.94
N LYS A 37 18.21 0.91 9.91
CA LYS A 37 18.36 0.13 11.13
C LYS A 37 17.10 -0.69 11.41
N LEU A 38 17.29 -1.98 11.68
CA LEU A 38 16.18 -2.87 11.97
C LEU A 38 15.55 -2.45 13.30
N VAL A 39 14.33 -1.92 13.25
CA VAL A 39 13.65 -1.47 14.47
C VAL A 39 12.59 -2.45 14.97
N ASN A 40 12.25 -3.43 14.14
CA ASN A 40 11.25 -4.41 14.53
C ASN A 40 11.28 -5.60 13.59
N ASN A 41 11.39 -6.80 14.16
CA ASN A 41 11.40 -7.99 13.33
C ASN A 41 10.53 -9.08 13.93
N VAL A 42 9.60 -8.68 14.78
CA VAL A 42 8.70 -9.65 15.37
C VAL A 42 7.98 -10.30 14.18
N ARG A 43 8.00 -11.64 14.14
CA ARG A 43 7.37 -12.38 13.04
C ARG A 43 8.08 -12.15 11.72
N GLY A 44 9.38 -11.88 11.77
CA GLY A 44 10.17 -11.64 10.57
C GLY A 44 9.61 -10.53 9.71
N ILE A 45 8.79 -9.67 10.30
CA ILE A 45 8.15 -8.56 9.58
C ILE A 45 9.10 -7.55 8.91
N GLN A 46 10.39 -7.62 9.25
CA GLN A 46 11.43 -6.75 8.67
C GLN A 46 11.20 -5.23 8.72
N GLY A 47 10.95 -4.70 9.92
CA GLY A 47 10.73 -3.27 10.06
C GLY A 47 12.02 -2.47 10.22
N TYR A 48 12.30 -1.60 9.25
CA TYR A 48 13.50 -0.77 9.29
C TYR A 48 13.19 0.71 9.32
N THR A 49 14.17 1.48 9.79
CA THR A 49 14.07 2.94 9.84
C THR A 49 15.41 3.50 9.43
N GLY A 50 15.38 4.43 8.48
CA GLY A 50 16.60 5.05 8.00
C GLY A 50 16.24 6.43 7.48
N THR A 51 16.96 6.90 6.48
CA THR A 51 16.65 8.22 5.92
C THR A 51 16.74 8.21 4.41
N TYR A 52 15.96 9.10 3.81
CA TYR A 52 15.95 9.27 2.37
C TYR A 52 16.09 10.77 2.19
N LYS A 53 17.13 11.19 1.49
CA LYS A 53 17.39 12.61 1.27
C LYS A 53 17.35 13.37 2.60
N GLY A 54 17.93 12.77 3.64
CA GLY A 54 17.99 13.38 4.95
C GLY A 54 16.80 13.20 5.87
N LYS A 55 15.63 12.93 5.31
CA LYS A 55 14.44 12.76 6.15
C LYS A 55 14.23 11.34 6.68
N PRO A 56 13.72 11.24 7.92
CA PRO A 56 13.44 9.95 8.59
C PRO A 56 12.33 9.21 7.85
N ILE A 57 12.54 7.93 7.62
CA ILE A 57 11.56 7.13 6.93
C ILE A 57 11.71 5.65 7.30
N SER A 58 10.59 4.97 7.46
CA SER A 58 10.61 3.55 7.81
C SER A 58 9.89 2.71 6.76
N VAL A 59 10.33 1.46 6.64
CA VAL A 59 9.75 0.52 5.71
C VAL A 59 9.52 -0.77 6.50
N MET A 60 8.35 -1.37 6.31
CA MET A 60 8.02 -2.59 7.04
C MET A 60 7.03 -3.42 6.24
N GLY A 61 7.08 -4.75 6.43
CA GLY A 61 6.15 -5.61 5.73
C GLY A 61 4.81 -5.52 6.44
N HIS A 62 3.73 -5.92 5.77
CA HIS A 62 2.42 -5.88 6.39
C HIS A 62 1.64 -7.17 6.18
N GLY A 63 2.30 -8.18 5.60
CA GLY A 63 1.65 -9.46 5.35
C GLY A 63 0.62 -9.37 4.23
N MET A 64 -0.15 -10.44 4.04
CA MET A 64 -1.16 -10.42 2.99
C MET A 64 -2.56 -10.45 3.59
N GLY A 65 -3.46 -9.62 3.04
CA GLY A 65 -4.82 -9.57 3.52
C GLY A 65 -5.17 -8.41 4.43
N LEU A 66 -6.43 -7.99 4.38
CA LEU A 66 -6.90 -6.88 5.21
C LEU A 66 -6.71 -7.09 6.70
N PRO A 67 -6.99 -8.31 7.20
CA PRO A 67 -6.80 -8.50 8.64
C PRO A 67 -5.37 -8.25 9.09
N SER A 68 -4.42 -8.61 8.22
CA SER A 68 -3.00 -8.46 8.51
C SER A 68 -2.54 -6.99 8.55
N ILE A 69 -2.75 -6.27 7.46
CA ILE A 69 -2.34 -4.88 7.42
C ILE A 69 -3.11 -4.04 8.43
N CYS A 70 -4.31 -4.48 8.80
CA CYS A 70 -5.10 -3.75 9.78
C CYS A 70 -4.44 -3.75 11.15
N ILE A 71 -3.79 -4.86 11.48
CA ILE A 71 -3.10 -4.97 12.75
C ILE A 71 -1.94 -3.98 12.81
N TYR A 72 -1.07 -4.07 11.82
CA TYR A 72 0.12 -3.22 11.71
C TYR A 72 -0.18 -1.74 11.60
N ALA A 73 -1.12 -1.40 10.72
CA ALA A 73 -1.50 -0.02 10.49
C ALA A 73 -2.08 0.65 11.75
N GLU A 74 -2.97 -0.04 12.44
CA GLU A 74 -3.56 0.55 13.65
C GLU A 74 -2.53 0.72 14.78
N GLU A 75 -1.59 -0.20 14.89
CA GLU A 75 -0.57 -0.07 15.92
C GLU A 75 0.36 1.10 15.62
N LEU A 76 0.67 1.29 14.33
CA LEU A 76 1.54 2.36 13.89
C LEU A 76 0.96 3.74 14.17
N TYR A 77 -0.29 3.96 13.76
CA TYR A 77 -0.92 5.25 14.00
C TYR A 77 -1.10 5.47 15.49
N SER A 78 -1.73 4.50 16.15
CA SER A 78 -2.02 4.58 17.57
C SER A 78 -0.82 4.63 18.52
N THR A 79 0.01 3.61 18.48
CA THR A 79 1.15 3.52 19.37
C THR A 79 2.43 4.24 18.95
N TYR A 80 2.84 4.05 17.70
CA TYR A 80 4.06 4.66 17.23
C TYR A 80 3.89 6.05 16.64
N LYS A 81 2.67 6.57 16.77
CA LYS A 81 2.32 7.91 16.31
C LYS A 81 2.73 8.22 14.87
N VAL A 82 2.59 7.25 13.98
CA VAL A 82 2.92 7.44 12.57
C VAL A 82 1.83 8.33 11.96
N LYS A 83 2.21 9.16 10.99
CA LYS A 83 1.27 10.06 10.36
C LYS A 83 0.85 9.62 8.95
N THR A 84 1.79 9.03 8.22
CA THR A 84 1.52 8.61 6.86
C THR A 84 2.01 7.22 6.51
N ILE A 85 1.13 6.41 5.94
CA ILE A 85 1.49 5.07 5.52
C ILE A 85 1.22 4.96 4.04
N ILE A 86 2.26 4.74 3.26
CA ILE A 86 2.09 4.57 1.83
C ILE A 86 2.33 3.10 1.50
N ARG A 87 1.26 2.43 1.08
CA ARG A 87 1.39 1.03 0.72
C ARG A 87 2.04 0.95 -0.66
N VAL A 88 3.07 0.13 -0.76
CA VAL A 88 3.82 -0.06 -1.99
C VAL A 88 3.74 -1.56 -2.30
N GLY A 89 3.68 -1.92 -3.57
CA GLY A 89 3.62 -3.34 -3.87
C GLY A 89 3.16 -3.74 -5.26
N THR A 90 2.66 -4.96 -5.36
CA THR A 90 2.19 -5.49 -6.63
C THR A 90 0.67 -5.63 -6.59
N CYS A 91 0.08 -5.97 -7.73
CA CYS A 91 -1.37 -6.14 -7.82
C CYS A 91 -1.69 -6.79 -9.16
N GLY A 92 -2.93 -7.22 -9.32
CA GLY A 92 -3.35 -7.85 -10.56
C GLY A 92 -4.27 -6.96 -11.37
N ALA A 93 -3.92 -6.71 -12.62
CA ALA A 93 -4.74 -5.86 -13.47
C ALA A 93 -6.09 -6.50 -13.72
N ILE A 94 -7.11 -5.67 -13.78
CA ILE A 94 -8.47 -6.12 -14.05
C ILE A 94 -8.86 -5.55 -15.39
N ASP A 95 -8.80 -4.22 -15.50
CA ASP A 95 -9.14 -3.51 -16.72
C ASP A 95 -8.31 -4.00 -17.91
N MET A 96 -8.97 -4.23 -19.04
CA MET A 96 -8.30 -4.70 -20.25
C MET A 96 -7.28 -3.69 -20.78
N ASP A 97 -7.49 -2.42 -20.49
CA ASP A 97 -6.56 -1.38 -20.94
C ASP A 97 -5.34 -1.24 -20.04
N ILE A 98 -5.31 -2.00 -18.95
CA ILE A 98 -4.18 -2.00 -18.01
C ILE A 98 -3.37 -3.27 -18.30
N HIS A 99 -2.07 -3.11 -18.48
CA HIS A 99 -1.22 -4.26 -18.79
C HIS A 99 -0.17 -4.52 -17.72
N THR A 100 0.35 -5.74 -17.71
CA THR A 100 1.37 -6.12 -16.75
C THR A 100 2.50 -5.09 -16.80
N ARG A 101 3.13 -4.83 -15.66
CA ARG A 101 4.22 -3.87 -15.57
C ARG A 101 3.76 -2.40 -15.50
N ASP A 102 2.45 -2.18 -15.60
CA ASP A 102 1.91 -0.82 -15.49
C ASP A 102 1.93 -0.42 -14.00
N ILE A 103 1.90 0.88 -13.74
CA ILE A 103 1.89 1.38 -12.37
C ILE A 103 0.53 2.00 -12.10
N VAL A 104 -0.03 1.71 -10.94
CA VAL A 104 -1.36 2.18 -10.58
C VAL A 104 -1.41 2.88 -9.23
N ILE A 105 -2.08 4.02 -9.20
CA ILE A 105 -2.24 4.79 -7.98
C ILE A 105 -3.72 4.74 -7.61
N PHE A 106 -4.02 4.16 -6.45
CA PHE A 106 -5.39 4.00 -5.99
C PHE A 106 -6.04 5.26 -5.41
N THR A 107 -7.22 5.58 -5.91
CA THR A 107 -7.98 6.72 -5.41
C THR A 107 -8.76 6.15 -4.24
N SER A 108 -9.07 4.87 -4.34
CA SER A 108 -9.86 4.17 -3.34
C SER A 108 -9.83 2.68 -3.65
N ALA A 109 -10.46 1.90 -2.78
CA ALA A 109 -10.47 0.45 -2.96
C ALA A 109 -11.78 -0.18 -2.51
N GLY A 110 -12.34 -1.03 -3.36
CA GLY A 110 -13.55 -1.74 -3.02
C GLY A 110 -13.11 -3.02 -2.33
N THR A 111 -14.04 -3.84 -1.88
CA THR A 111 -13.65 -5.08 -1.22
C THR A 111 -14.82 -6.03 -0.99
N ASN A 112 -14.50 -7.32 -0.91
CA ASN A 112 -15.52 -8.33 -0.63
C ASN A 112 -15.37 -8.72 0.85
N SER A 113 -14.56 -7.96 1.57
CA SER A 113 -14.35 -8.18 2.99
C SER A 113 -15.55 -7.61 3.78
N LYS A 114 -15.66 -8.01 5.05
CA LYS A 114 -16.76 -7.53 5.89
C LYS A 114 -16.28 -6.50 6.93
N ILE A 115 -14.96 -6.33 7.03
CA ILE A 115 -14.37 -5.43 8.00
C ILE A 115 -14.96 -4.02 8.05
N ASN A 116 -15.04 -3.37 6.89
CA ASN A 116 -15.55 -2.00 6.86
C ASN A 116 -17.03 -1.94 7.23
N ARG A 117 -17.79 -2.97 6.87
CA ARG A 117 -19.21 -2.98 7.23
C ARG A 117 -19.34 -3.14 8.76
N ILE A 118 -18.40 -3.88 9.35
CA ILE A 118 -18.41 -4.08 10.80
C ILE A 118 -18.14 -2.76 11.51
N ARG A 119 -17.17 -2.01 11.02
CA ARG A 119 -16.86 -0.73 11.66
C ARG A 119 -17.77 0.42 11.24
N PHE A 120 -18.61 0.21 10.22
CA PHE A 120 -19.50 1.27 9.74
C PHE A 120 -21.00 0.96 9.77
N MET A 121 -21.45 0.33 10.85
CA MET A 121 -22.86 -0.01 11.02
C MET A 121 -23.51 -0.68 9.81
N ASP A 122 -22.80 -1.66 9.25
CA ASP A 122 -23.27 -2.41 8.10
C ASP A 122 -23.60 -1.57 6.87
N HIS A 123 -23.03 -0.37 6.75
CA HIS A 123 -23.28 0.44 5.58
C HIS A 123 -22.11 0.41 4.61
N ASP A 124 -22.15 1.23 3.57
CA ASP A 124 -21.09 1.29 2.58
C ASP A 124 -20.04 2.35 2.94
N TYR A 125 -18.89 1.90 3.42
CA TYR A 125 -17.82 2.83 3.75
C TYR A 125 -16.98 2.95 2.49
N PRO A 126 -16.67 4.17 2.05
CA PRO A 126 -15.85 4.27 0.84
C PRO A 126 -14.37 4.30 1.24
N ALA A 127 -13.71 3.15 1.17
CA ALA A 127 -12.30 3.08 1.52
C ALA A 127 -11.56 4.01 0.56
N THR A 128 -11.33 5.25 1.00
CA THR A 128 -10.68 6.25 0.17
C THR A 128 -9.27 6.59 0.61
N ALA A 129 -8.39 6.76 -0.37
CA ALA A 129 -7.01 7.12 -0.10
C ALA A 129 -7.00 8.60 0.27
N SER A 130 -6.12 9.00 1.17
CA SER A 130 -6.03 10.40 1.58
C SER A 130 -5.72 11.25 0.35
N PHE A 131 -6.55 12.24 0.09
CA PHE A 131 -6.33 13.10 -1.08
C PHE A 131 -4.92 13.69 -1.14
N ASP A 132 -4.32 13.94 0.02
CA ASP A 132 -2.96 14.47 0.09
C ASP A 132 -1.98 13.48 -0.51
N VAL A 133 -2.08 12.23 -0.08
CA VAL A 133 -1.21 11.17 -0.55
C VAL A 133 -1.45 10.89 -2.03
N VAL A 134 -2.71 10.90 -2.45
CA VAL A 134 -3.00 10.66 -3.85
C VAL A 134 -2.32 11.75 -4.66
N CYS A 135 -2.51 13.01 -4.25
CA CYS A 135 -1.88 14.11 -4.96
C CYS A 135 -0.36 14.05 -4.94
N ALA A 136 0.23 13.73 -3.79
CA ALA A 136 1.67 13.64 -3.69
C ALA A 136 2.21 12.55 -4.62
N LEU A 137 1.52 11.41 -4.66
CA LEU A 137 1.93 10.31 -5.52
C LEU A 137 1.81 10.67 -7.01
N VAL A 138 0.72 11.33 -7.38
CA VAL A 138 0.51 11.72 -8.76
C VAL A 138 1.53 12.82 -9.17
N ASP A 139 1.73 13.81 -8.31
CA ASP A 139 2.70 14.87 -8.64
C ASP A 139 4.08 14.27 -8.80
N ALA A 140 4.45 13.36 -7.91
CA ALA A 140 5.75 12.72 -8.00
C ALA A 140 5.81 12.04 -9.37
N ALA A 141 4.74 11.35 -9.73
CA ALA A 141 4.67 10.68 -11.02
C ALA A 141 4.81 11.68 -12.17
N LYS A 142 4.22 12.86 -12.02
CA LYS A 142 4.31 13.86 -13.05
C LYS A 142 5.71 14.47 -13.13
N GLU A 143 6.25 14.86 -11.97
CA GLU A 143 7.59 15.44 -11.92
C GLU A 143 8.65 14.48 -12.46
N LEU A 144 8.50 13.20 -12.16
CA LEU A 144 9.44 12.19 -12.62
C LEU A 144 9.05 11.80 -14.05
N ASN A 145 7.86 12.24 -14.47
CA ASN A 145 7.33 11.96 -15.78
C ASN A 145 7.27 10.45 -16.05
N ILE A 146 6.71 9.73 -15.08
CA ILE A 146 6.54 8.29 -15.16
C ILE A 146 5.05 8.02 -15.30
N PRO A 147 4.63 7.43 -16.43
CA PRO A 147 3.20 7.14 -16.67
C PRO A 147 2.62 6.27 -15.56
N ALA A 148 1.48 6.68 -15.04
CA ALA A 148 0.81 5.93 -13.99
C ALA A 148 -0.68 6.12 -14.12
N LYS A 149 -1.43 5.04 -14.00
CA LYS A 149 -2.88 5.12 -14.07
C LYS A 149 -3.43 5.36 -12.68
N VAL A 150 -4.42 6.24 -12.58
CA VAL A 150 -5.04 6.58 -11.31
C VAL A 150 -6.50 6.14 -11.28
N GLY A 151 -6.90 5.45 -10.23
CA GLY A 151 -8.28 5.02 -10.14
C GLY A 151 -8.56 3.97 -9.08
N LYS A 152 -9.74 3.37 -9.17
CA LYS A 152 -10.21 2.37 -8.22
C LYS A 152 -9.43 1.06 -8.18
N GLY A 153 -9.23 0.58 -6.97
CA GLY A 153 -8.55 -0.69 -6.76
C GLY A 153 -9.55 -1.58 -6.06
N PHE A 154 -9.22 -2.86 -5.92
CA PHE A 154 -10.11 -3.78 -5.23
C PHE A 154 -9.27 -4.65 -4.33
N SER A 155 -9.63 -4.67 -3.04
CA SER A 155 -8.92 -5.46 -2.04
C SER A 155 -9.73 -6.73 -1.79
N THR A 156 -9.26 -7.86 -2.31
CA THR A 156 -9.99 -9.11 -2.14
C THR A 156 -9.55 -9.92 -0.91
N ASP A 157 -10.47 -10.74 -0.41
CA ASP A 157 -10.18 -11.61 0.72
C ASP A 157 -9.79 -12.97 0.14
N LEU A 158 -10.15 -13.20 -1.13
CA LEU A 158 -9.85 -14.46 -1.81
C LEU A 158 -8.95 -14.30 -3.02
N PHE A 159 -7.65 -14.55 -2.86
CA PHE A 159 -6.74 -14.47 -3.99
C PHE A 159 -7.32 -15.42 -5.05
N TYR A 160 -7.71 -16.61 -4.63
CA TYR A 160 -8.35 -17.60 -5.50
C TYR A 160 -9.85 -17.42 -5.29
N ASN A 161 -10.43 -16.54 -6.11
CA ASN A 161 -11.83 -16.17 -6.01
C ASN A 161 -12.81 -17.14 -6.66
N PRO A 162 -13.70 -17.76 -5.87
CA PRO A 162 -14.70 -18.72 -6.38
C PRO A 162 -15.66 -18.03 -7.34
N GLN A 163 -15.99 -16.77 -7.06
CA GLN A 163 -16.91 -16.01 -7.90
C GLN A 163 -16.19 -15.51 -9.15
N THR A 164 -16.04 -16.39 -10.13
CA THR A 164 -15.33 -16.07 -11.36
C THR A 164 -15.96 -14.97 -12.22
N GLU A 165 -17.19 -14.58 -11.93
CA GLU A 165 -17.83 -13.53 -12.69
C GLU A 165 -17.44 -12.13 -12.20
N LEU A 166 -16.98 -12.03 -10.96
CA LEU A 166 -16.60 -10.75 -10.39
C LEU A 166 -15.58 -9.98 -11.23
N ALA A 167 -14.58 -10.70 -11.74
CA ALA A 167 -13.54 -10.09 -12.55
C ALA A 167 -14.11 -9.28 -13.70
N GLN A 168 -15.06 -9.85 -14.43
CA GLN A 168 -15.66 -9.14 -15.54
C GLN A 168 -16.55 -8.00 -15.07
N LEU A 169 -17.21 -8.17 -13.94
CA LEU A 169 -18.07 -7.10 -13.41
C LEU A 169 -17.20 -5.89 -13.10
N MET A 170 -16.05 -6.15 -12.49
CA MET A 170 -15.15 -5.08 -12.13
C MET A 170 -14.55 -4.42 -13.35
N ASN A 171 -14.34 -5.19 -14.41
CA ASN A 171 -13.79 -4.63 -15.63
C ASN A 171 -14.81 -3.70 -16.26
N LYS A 172 -16.09 -4.01 -16.11
CA LYS A 172 -17.15 -3.16 -16.65
C LYS A 172 -17.21 -1.85 -15.90
N PHE A 173 -16.85 -1.87 -14.62
CA PHE A 173 -16.88 -0.66 -13.82
C PHE A 173 -15.54 0.04 -13.80
N HIS A 174 -14.62 -0.51 -14.58
CA HIS A 174 -13.29 0.03 -14.73
C HIS A 174 -12.40 0.08 -13.50
N PHE A 175 -12.43 -0.99 -12.70
CA PHE A 175 -11.54 -1.08 -11.55
C PHE A 175 -10.19 -1.35 -12.21
N LEU A 176 -9.15 -0.69 -11.74
CA LEU A 176 -7.83 -0.85 -12.34
C LEU A 176 -7.14 -2.17 -11.99
N ALA A 177 -7.06 -2.49 -10.70
CA ALA A 177 -6.40 -3.71 -10.28
C ALA A 177 -6.91 -4.27 -8.95
N VAL A 178 -6.34 -5.42 -8.57
CA VAL A 178 -6.69 -6.07 -7.34
C VAL A 178 -5.47 -6.39 -6.49
N GLU A 179 -5.60 -6.12 -5.20
CA GLU A 179 -4.55 -6.42 -4.23
C GLU A 179 -5.29 -6.89 -2.97
N MET A 180 -4.68 -6.82 -1.80
CA MET A 180 -5.37 -7.36 -0.62
C MET A 180 -5.24 -6.57 0.69
N GLU A 181 -5.02 -5.26 0.61
CA GLU A 181 -4.84 -4.52 1.84
C GLU A 181 -5.45 -3.12 1.90
N SER A 182 -5.33 -2.37 0.81
CA SER A 182 -5.84 -1.00 0.75
C SER A 182 -7.18 -0.73 1.41
N ALA A 183 -8.20 -1.52 1.08
CA ALA A 183 -9.52 -1.32 1.66
C ALA A 183 -9.52 -1.31 3.20
N GLY A 184 -8.57 -2.03 3.79
CA GLY A 184 -8.47 -2.07 5.24
C GLY A 184 -7.68 -0.89 5.79
N LEU A 185 -6.59 -0.55 5.12
CA LEU A 185 -5.71 0.54 5.51
C LEU A 185 -6.36 1.93 5.56
N PHE A 186 -7.04 2.29 4.47
CA PHE A 186 -7.66 3.60 4.35
C PHE A 186 -8.60 4.02 5.48
N PRO A 187 -9.57 3.17 5.83
CA PRO A 187 -10.47 3.57 6.92
C PRO A 187 -9.77 3.75 8.27
N ILE A 188 -8.76 2.93 8.54
CA ILE A 188 -8.01 3.05 9.79
C ILE A 188 -7.32 4.43 9.87
N ALA A 189 -6.77 4.89 8.74
CA ALA A 189 -6.12 6.19 8.71
C ALA A 189 -7.15 7.26 9.06
N ASP A 190 -8.34 7.16 8.45
CA ASP A 190 -9.40 8.11 8.73
C ASP A 190 -9.69 8.12 10.23
N LEU A 191 -9.84 6.95 10.83
CA LEU A 191 -10.14 6.87 12.26
C LEU A 191 -9.13 7.63 13.12
N TYR A 192 -7.84 7.51 12.77
CA TYR A 192 -6.79 8.18 13.53
C TYR A 192 -6.46 9.59 13.03
N GLY A 193 -7.31 10.13 12.15
CA GLY A 193 -7.05 11.46 11.61
C GLY A 193 -5.68 11.54 10.95
N ALA A 194 -5.21 10.40 10.43
CA ALA A 194 -3.92 10.33 9.75
C ALA A 194 -4.10 10.08 8.25
N ARG A 195 -3.01 9.77 7.56
CA ARG A 195 -3.05 9.56 6.11
C ARG A 195 -2.55 8.21 5.60
N ALA A 196 -3.12 7.78 4.48
CA ALA A 196 -2.77 6.52 3.86
C ALA A 196 -2.94 6.62 2.35
N GLY A 197 -2.15 5.84 1.62
CA GLY A 197 -2.21 5.83 0.18
C GLY A 197 -1.67 4.51 -0.35
N CYS A 198 -1.80 4.27 -1.65
CA CYS A 198 -1.29 3.04 -2.22
C CYS A 198 -0.88 3.20 -3.68
N ILE A 199 0.25 2.59 -4.03
CA ILE A 199 0.75 2.61 -5.39
C ILE A 199 1.26 1.20 -5.67
N CYS A 200 0.82 0.61 -6.78
CA CYS A 200 1.23 -0.76 -7.09
C CYS A 200 1.70 -0.94 -8.53
N THR A 201 2.51 -1.95 -8.74
CA THR A 201 3.00 -2.26 -10.07
C THR A 201 2.32 -3.57 -10.46
N VAL A 202 1.59 -3.56 -11.57
CA VAL A 202 0.88 -4.75 -12.03
C VAL A 202 1.83 -5.90 -12.33
N SER A 203 1.71 -6.98 -11.58
CA SER A 203 2.56 -8.14 -11.76
C SER A 203 1.90 -9.19 -12.64
N ASP A 204 0.57 -9.12 -12.74
CA ASP A 204 -0.18 -10.07 -13.55
C ASP A 204 -1.54 -9.50 -13.96
N HIS A 205 -2.15 -10.11 -14.96
CA HIS A 205 -3.47 -9.67 -15.41
C HIS A 205 -4.42 -10.83 -15.17
N ILE A 206 -5.52 -10.57 -14.47
CA ILE A 206 -6.46 -11.64 -14.16
C ILE A 206 -7.43 -11.99 -15.28
N LEU A 207 -7.56 -11.11 -16.27
CA LEU A 207 -8.48 -11.38 -17.38
C LEU A 207 -7.82 -11.99 -18.62
N HIS A 208 -6.49 -12.08 -18.62
CA HIS A 208 -5.76 -12.67 -19.75
C HIS A 208 -4.25 -12.63 -19.58
N HIS A 209 -3.78 -12.79 -18.34
CA HIS A 209 -2.35 -12.73 -18.03
C HIS A 209 -1.43 -12.87 -19.25
N GLU A 210 -0.62 -11.85 -19.48
CA GLU A 210 0.31 -11.82 -20.61
C GLU A 210 1.63 -12.50 -20.26
N GLU A 216 12.88 -6.74 -16.69
CA GLU A 216 11.91 -5.77 -17.20
C GLU A 216 10.80 -5.51 -16.18
N ARG A 217 10.58 -6.47 -15.28
CA ARG A 217 9.57 -6.35 -14.25
C ARG A 217 10.05 -5.47 -13.10
N GLN A 218 11.35 -5.55 -12.82
CA GLN A 218 11.96 -4.75 -11.74
C GLN A 218 12.06 -3.28 -12.11
N ASN A 219 12.19 -3.01 -13.40
CA ASN A 219 12.29 -1.63 -13.88
C ASN A 219 11.03 -0.87 -13.49
N SER A 220 9.89 -1.53 -13.66
CA SER A 220 8.61 -0.94 -13.31
C SER A 220 8.53 -0.76 -11.79
N PHE A 221 9.11 -1.70 -11.06
CA PHE A 221 9.13 -1.65 -9.61
C PHE A 221 9.97 -0.48 -9.07
N GLN A 222 11.16 -0.31 -9.64
CA GLN A 222 12.04 0.78 -9.21
C GLN A 222 11.38 2.13 -9.50
N ASN A 223 10.63 2.21 -10.59
CA ASN A 223 9.95 3.45 -10.93
C ASN A 223 8.89 3.74 -9.88
N MET A 224 8.11 2.71 -9.54
CA MET A 224 7.08 2.84 -8.54
C MET A 224 7.72 3.30 -7.24
N MET A 225 8.85 2.70 -6.88
CA MET A 225 9.55 3.07 -5.66
C MET A 225 9.99 4.54 -5.69
N LYS A 226 10.44 5.00 -6.84
CA LYS A 226 10.87 6.38 -6.97
C LYS A 226 9.70 7.28 -6.63
N ILE A 227 8.55 6.99 -7.21
CA ILE A 227 7.37 7.80 -6.97
C ILE A 227 6.97 7.81 -5.49
N ALA A 228 6.89 6.62 -4.88
CA ALA A 228 6.52 6.53 -3.47
C ALA A 228 7.50 7.35 -2.62
N LEU A 229 8.79 7.12 -2.83
CA LEU A 229 9.84 7.82 -2.09
C LEU A 229 9.76 9.34 -2.23
N GLU A 230 9.67 9.83 -3.45
CA GLU A 230 9.59 11.27 -3.66
C GLU A 230 8.31 11.83 -3.05
N ALA A 231 7.20 11.11 -3.24
CA ALA A 231 5.93 11.53 -2.68
C ALA A 231 6.04 11.60 -1.15
N ALA A 232 6.80 10.68 -0.56
CA ALA A 232 7.00 10.66 0.88
C ALA A 232 7.67 11.97 1.32
N ILE A 233 8.69 12.38 0.56
CA ILE A 233 9.38 13.63 0.90
C ILE A 233 8.39 14.80 0.79
N LYS A 234 7.63 14.85 -0.30
CA LYS A 234 6.64 15.93 -0.50
C LYS A 234 5.67 16.01 0.68
N LEU A 235 5.42 14.87 1.32
CA LEU A 235 4.49 14.84 2.45
C LEU A 235 5.20 15.08 3.78
#